data_3TF6
#
_entry.id   3TF6
#
_cell.length_a   114.090
_cell.length_b   114.090
_cell.length_c   118.190
_cell.angle_alpha   90.000
_cell.angle_beta   90.000
_cell.angle_gamma   90.000
#
_symmetry.space_group_name_H-M   'P 41 21 2'
#
loop_
_entity.id
_entity.type
_entity.pdbx_description
1 polymer 'Neutrophil gelatinase-associated lipocalin'
2 non-polymer GLYCEROL
3 non-polymer 'EUROPIUM ION'
4 non-polymer '2,3-DIHYDROXY-BENZOIC ACID'
5 non-polymer 'SULFATE ION'
6 non-polymer 'CHLORIDE ION'
7 water water
#
_entity_poly.entity_id   1
_entity_poly.type   'polypeptide(L)'
_entity_poly.pdbx_seq_one_letter_code
;GQDSTSDLIPAPPLSKVPLQQNFQDNQFQGKWYVVGLAGNAILREDKDPQKMYATIYELKEDKSYNVTSVLFRKKKCDYW
IRTFVPGSQPGEFTLGNIKSYPGLTSYLVRVVSTNYNQHAMVFFKKVSQNREYFKITLYGRTKELTSELKENFIRFSKSL
GLPENHIVFPVPIDQCIDG
;
_entity_poly.pdbx_strand_id   A,B,C
#
loop_
_chem_comp.id
_chem_comp.type
_chem_comp.name
_chem_comp.formula
CL non-polymer 'CHLORIDE ION' 'Cl -1'
DBH non-polymer '2,3-DIHYDROXY-BENZOIC ACID' 'C7 H6 O4'
EU non-polymer 'EUROPIUM ION' 'Eu 2'
GOL non-polymer GLYCEROL 'C3 H8 O3'
SO4 non-polymer 'SULFATE ION' 'O4 S -2'
#
# COMPACT_ATOMS: atom_id res chain seq x y z
N SER A 4 -4.66 25.01 32.90
CA SER A 4 -4.22 24.49 31.56
C SER A 4 -4.24 25.56 30.46
N THR A 5 -3.29 25.43 29.54
CA THR A 5 -3.14 26.30 28.37
C THR A 5 -2.93 25.35 27.19
N SER A 6 -3.47 25.68 26.02
CA SER A 6 -3.57 24.71 24.95
C SER A 6 -3.82 25.40 23.61
N ASP A 7 -3.11 24.96 22.57
CA ASP A 7 -3.16 25.61 21.25
C ASP A 7 -3.41 24.51 20.25
N LEU A 8 -4.53 24.56 19.57
CA LEU A 8 -4.93 23.46 18.68
C LEU A 8 -5.21 23.94 17.25
N ILE A 9 -4.80 23.16 16.26
CA ILE A 9 -5.23 23.42 14.89
C ILE A 9 -6.77 23.28 14.86
N PRO A 10 -7.46 24.24 14.24
CA PRO A 10 -8.93 24.20 14.30
C PRO A 10 -9.51 23.03 13.53
N ALA A 11 -10.64 22.50 14.01
CA ALA A 11 -11.37 21.47 13.28
C ALA A 11 -11.79 22.04 11.95
N PRO A 12 -11.73 21.23 10.91
CA PRO A 12 -12.24 21.67 9.63
C PRO A 12 -13.76 21.80 9.66
N PRO A 13 -14.31 22.67 8.80
CA PRO A 13 -15.75 22.61 8.64
C PRO A 13 -16.13 21.25 8.05
N LEU A 14 -17.29 20.74 8.42
CA LEU A 14 -17.71 19.42 7.98
C LEU A 14 -17.88 19.32 6.46
N SER A 15 -18.07 20.45 5.80
CA SER A 15 -18.15 20.50 4.36
C SER A 15 -16.85 20.04 3.68
N LYS A 16 -15.75 20.05 4.43
CA LYS A 16 -14.47 19.54 3.90
C LYS A 16 -14.28 18.05 4.17
N VAL A 17 -15.22 17.43 4.86
CA VAL A 17 -15.10 16.01 5.23
C VAL A 17 -16.12 15.18 4.48
N PRO A 18 -15.68 14.47 3.44
CA PRO A 18 -16.66 13.67 2.70
C PRO A 18 -17.30 12.57 3.55
N LEU A 19 -18.46 12.10 3.09
CA LEU A 19 -19.16 10.97 3.64
C LEU A 19 -19.18 9.83 2.63
N GLN A 20 -18.80 8.63 3.04
CA GLN A 20 -18.94 7.46 2.18
C GLN A 20 -20.38 7.32 1.67
N GLN A 21 -20.55 7.34 0.36
CA GLN A 21 -21.87 7.15 -0.24
C GLN A 21 -22.40 5.73 0.05
N ASN A 22 -23.70 5.63 0.28
CA ASN A 22 -24.39 4.34 0.46
CA ASN A 22 -24.33 4.35 0.39
C ASN A 22 -23.71 3.45 1.48
N PHE A 23 -23.43 4.01 2.66
CA PHE A 23 -22.72 3.28 3.70
C PHE A 23 -23.42 1.99 4.08
N GLN A 24 -22.65 0.90 4.12
CA GLN A 24 -23.17 -0.41 4.47
C GLN A 24 -22.68 -0.82 5.85
N ASP A 25 -23.54 -0.64 6.83
CA ASP A 25 -23.13 -0.83 8.21
C ASP A 25 -22.73 -2.26 8.55
N ASN A 26 -23.39 -3.22 7.94
CA ASN A 26 -23.02 -4.63 8.17
C ASN A 26 -21.61 -4.97 7.63
N GLN A 27 -21.24 -4.37 6.49
CA GLN A 27 -19.96 -4.69 5.85
C GLN A 27 -18.82 -3.99 6.54
N PHE A 28 -19.12 -2.94 7.31
CA PHE A 28 -18.07 -2.19 7.98
C PHE A 28 -17.63 -2.87 9.27
N GLN A 29 -18.40 -3.87 9.70
CA GLN A 29 -18.12 -4.53 10.95
C GLN A 29 -16.82 -5.31 10.93
N GLY A 30 -16.41 -5.74 12.13
CA GLY A 30 -15.22 -6.56 12.29
C GLY A 30 -14.02 -5.73 12.71
N LYS A 31 -12.84 -6.33 12.56
CA LYS A 31 -11.60 -5.73 13.03
C LYS A 31 -10.97 -4.87 11.97
N TRP A 32 -10.52 -3.70 12.39
CA TRP A 32 -9.72 -2.83 11.59
C TRP A 32 -8.48 -2.50 12.33
N TYR A 33 -7.35 -2.52 11.61
CA TYR A 33 -6.10 -2.05 12.16
C TYR A 33 -5.96 -0.57 11.89
N VAL A 34 -5.43 0.17 12.87
CA VAL A 34 -5.15 1.57 12.68
C VAL A 34 -3.76 1.70 12.05
N VAL A 35 -3.77 1.86 10.74
CA VAL A 35 -2.56 1.91 9.93
C VAL A 35 -2.06 3.34 9.87
N GLY A 36 -2.97 4.30 10.00
CA GLY A 36 -2.60 5.69 10.00
C GLY A 36 -3.45 6.47 10.95
N LEU A 37 -2.87 7.51 11.51
CA LEU A 37 -3.55 8.29 12.52
C LEU A 37 -3.08 9.73 12.42
N ALA A 38 -4.03 10.66 12.31
CA ALA A 38 -3.71 12.07 12.18
C ALA A 38 -4.72 12.90 12.97
N GLY A 39 -4.30 14.02 13.49
CA GLY A 39 -5.25 14.88 14.19
C GLY A 39 -4.57 16.00 14.91
N ASN A 40 -5.37 16.90 15.44
CA ASN A 40 -4.80 18.13 16.05
C ASN A 40 -4.15 17.90 17.39
N ALA A 41 -4.41 16.74 18.01
CA ALA A 41 -3.73 16.34 19.25
C ALA A 41 -2.81 15.11 19.03
N ILE A 42 -2.64 14.69 17.78
CA ILE A 42 -1.74 13.62 17.45
C ILE A 42 -0.39 14.24 17.08
N LEU A 43 0.69 13.74 17.69
CA LEU A 43 2.05 14.25 17.42
C LEU A 43 3.00 13.10 17.13
N ARG A 44 3.80 13.22 16.06
CA ARG A 44 4.87 12.25 15.82
C ARG A 44 5.91 12.32 16.94
N GLU A 45 6.27 11.15 17.47
CA GLU A 45 7.30 11.04 18.50
C GLU A 45 8.33 10.01 18.04
N ASP A 46 9.44 10.49 17.49
CA ASP A 46 10.54 9.62 17.04
C ASP A 46 11.12 8.78 18.20
N LYS A 47 11.22 9.39 19.38
CA LYS A 47 11.73 8.73 20.58
C LYS A 47 10.92 7.48 20.94
N ASP A 48 9.60 7.63 21.03
CA ASP A 48 8.73 6.52 21.45
C ASP A 48 7.51 6.35 20.48
N PRO A 49 7.72 5.71 19.32
CA PRO A 49 6.74 5.70 18.22
C PRO A 49 5.45 5.00 18.58
N GLN A 50 4.34 5.54 18.10
CA GLN A 50 3.02 4.98 18.34
C GLN A 50 2.95 3.53 17.82
N LYS A 51 2.44 2.63 18.63
CA LYS A 51 2.24 1.23 18.20
C LYS A 51 0.87 1.06 17.58
N MET A 52 0.78 0.22 16.56
CA MET A 52 -0.50 -0.11 16.00
C MET A 52 -1.44 -0.63 17.07
N TYR A 53 -2.71 -0.25 16.96
CA TYR A 53 -3.77 -0.84 17.72
C TYR A 53 -4.90 -1.19 16.78
N ALA A 54 -5.93 -1.85 17.29
CA ALA A 54 -7.02 -2.31 16.45
C ALA A 54 -8.32 -1.88 17.05
N THR A 55 -9.34 -1.73 16.21
CA THR A 55 -10.66 -1.34 16.62
C THR A 55 -11.64 -2.26 15.93
N ILE A 56 -12.48 -2.91 16.74
CA ILE A 56 -13.42 -3.90 16.28
C ILE A 56 -14.83 -3.29 16.34
N TYR A 57 -15.53 -3.28 15.21
CA TYR A 57 -16.92 -2.75 15.14
C TYR A 57 -17.92 -3.91 15.08
N GLU A 58 -18.82 -3.99 16.08
CA GLU A 58 -19.85 -5.02 16.08
C GLU A 58 -21.19 -4.37 16.04
N LEU A 59 -21.97 -4.74 15.04
CA LEU A 59 -23.27 -4.16 14.82
C LEU A 59 -24.24 -4.83 15.80
N LYS A 60 -24.90 -4.04 16.62
CA LYS A 60 -25.92 -4.56 17.57
C LYS A 60 -27.26 -4.70 16.89
N GLU A 61 -28.16 -5.45 17.52
CA GLU A 61 -29.54 -5.62 17.01
C GLU A 61 -30.20 -4.27 16.74
N ASP A 62 -29.96 -3.28 17.61
CA ASP A 62 -30.52 -1.94 17.41
C ASP A 62 -29.77 -1.08 16.37
N LYS A 63 -28.74 -1.65 15.74
CA LYS A 63 -28.00 -1.01 14.64
C LYS A 63 -26.99 0.06 15.10
N SER A 64 -26.81 0.20 16.40
CA SER A 64 -25.63 0.88 16.92
C SER A 64 -24.46 -0.06 16.83
N TYR A 65 -23.25 0.47 16.92
CA TYR A 65 -22.04 -0.36 17.01
C TYR A 65 -21.52 -0.40 18.41
N ASN A 66 -21.15 -1.59 18.87
CA ASN A 66 -20.17 -1.72 19.93
C ASN A 66 -18.80 -1.65 19.32
N VAL A 67 -18.00 -0.71 19.80
CA VAL A 67 -16.71 -0.45 19.25
C VAL A 67 -15.67 -0.70 20.31
N THR A 68 -14.83 -1.72 20.09
CA THR A 68 -13.80 -2.08 21.04
C THR A 68 -12.45 -1.84 20.44
N SER A 69 -11.63 -1.06 21.11
CA SER A 69 -10.26 -0.84 20.66
C SER A 69 -9.35 -1.60 21.58
N VAL A 70 -8.31 -2.20 20.99
CA VAL A 70 -7.36 -2.98 21.76
C VAL A 70 -5.97 -2.44 21.47
N LEU A 71 -5.27 -2.08 22.54
CA LEU A 71 -3.94 -1.46 22.48
C LEU A 71 -3.01 -2.24 23.39
N PHE A 72 -1.74 -2.33 23.00
CA PHE A 72 -0.70 -2.96 23.83
C PHE A 72 0.02 -1.84 24.57
N ARG A 73 -0.15 -1.79 25.89
CA ARG A 73 0.46 -0.76 26.73
C ARG A 73 0.92 -1.37 28.03
N LYS A 74 2.16 -1.08 28.41
CA LYS A 74 2.68 -1.53 29.69
C LYS A 74 2.59 -3.05 29.78
N LYS A 75 2.90 -3.70 28.66
CA LYS A 75 2.99 -5.15 28.59
C LYS A 75 1.62 -5.86 28.67
N LYS A 76 0.55 -5.09 28.60
CA LYS A 76 -0.78 -5.64 28.70
C LYS A 76 -1.66 -5.22 27.55
N CYS A 77 -2.74 -5.95 27.36
CA CYS A 77 -3.76 -5.55 26.39
C CYS A 77 -4.80 -4.70 27.09
N ASP A 78 -4.98 -3.48 26.60
CA ASP A 78 -5.96 -2.53 27.16
C ASP A 78 -7.12 -2.42 26.23
N TYR A 79 -8.31 -2.56 26.78
CA TYR A 79 -9.53 -2.55 25.99
C TYR A 79 -10.34 -1.29 26.31
N TRP A 80 -10.79 -0.60 25.27
CA TRP A 80 -11.51 0.65 25.38
C TRP A 80 -12.79 0.46 24.57
N ILE A 81 -13.93 0.48 25.25
CA ILE A 81 -15.21 0.18 24.62
C ILE A 81 -16.06 1.43 24.52
N ARG A 82 -16.68 1.63 23.37
CA ARG A 82 -17.73 2.62 23.29
C ARG A 82 -18.80 2.25 22.30
N THR A 83 -19.87 3.05 22.32
CA THR A 83 -21.02 2.81 21.48
C THR A 83 -21.13 3.94 20.48
N PHE A 84 -21.20 3.58 19.21
CA PHE A 84 -21.46 4.53 18.15
C PHE A 84 -22.94 4.39 17.75
N VAL A 85 -23.69 5.46 17.93
CA VAL A 85 -25.12 5.49 17.66
C VAL A 85 -25.30 6.16 16.30
N PRO A 86 -26.10 5.55 15.40
CA PRO A 86 -26.31 6.13 14.06
C PRO A 86 -26.75 7.58 14.10
N GLY A 87 -26.12 8.42 13.30
CA GLY A 87 -26.40 9.86 13.30
C GLY A 87 -27.36 10.29 12.22
N SER A 88 -27.16 11.50 11.72
CA SER A 88 -28.10 12.15 10.85
C SER A 88 -28.21 11.50 9.48
N GLN A 89 -27.13 10.88 9.04
CA GLN A 89 -27.14 10.12 7.79
C GLN A 89 -26.23 8.89 7.87
N PRO A 90 -26.44 7.91 6.97
CA PRO A 90 -25.70 6.65 7.05
C PRO A 90 -24.20 6.89 6.93
N GLY A 91 -23.46 6.32 7.86
CA GLY A 91 -22.02 6.50 7.91
C GLY A 91 -21.59 7.54 8.92
N GLU A 92 -22.55 8.23 9.56
CA GLU A 92 -22.26 9.10 10.68
C GLU A 92 -22.77 8.55 11.98
N PHE A 93 -22.09 8.91 13.06
CA PHE A 93 -22.41 8.40 14.36
C PHE A 93 -22.15 9.41 15.44
N THR A 94 -22.87 9.28 16.51
CA THR A 94 -22.58 9.97 17.73
C THR A 94 -22.24 8.96 18.82
N LEU A 95 -21.73 9.45 19.95
CA LEU A 95 -21.26 8.59 21.02
C LEU A 95 -22.41 8.32 21.95
N GLY A 96 -22.69 7.05 22.19
CA GLY A 96 -23.66 6.66 23.22
C GLY A 96 -23.16 6.92 24.65
N ASN A 97 -24.09 7.11 25.58
CA ASN A 97 -23.77 7.33 26.99
CA ASN A 97 -23.76 7.32 27.00
C ASN A 97 -22.71 8.40 27.17
N ILE A 98 -22.90 9.50 26.49
CA ILE A 98 -21.93 10.58 26.51
C ILE A 98 -21.75 11.15 27.95
N LYS A 99 -22.81 11.07 28.77
CA LYS A 99 -22.77 11.58 30.16
C LYS A 99 -21.75 10.83 31.03
N SER A 100 -21.43 9.59 30.65
CA SER A 100 -20.45 8.81 31.36
C SER A 100 -19.01 9.23 31.06
N TYR A 101 -18.80 10.16 30.13
CA TYR A 101 -17.47 10.68 29.83
C TYR A 101 -17.33 12.12 30.35
N PRO A 102 -16.55 12.29 31.44
CA PRO A 102 -16.50 13.61 32.07
C PRO A 102 -15.84 14.65 31.15
N GLY A 103 -16.47 15.80 31.01
CA GLY A 103 -15.93 16.86 30.19
C GLY A 103 -16.34 16.80 28.73
N LEU A 104 -16.95 15.70 28.31
CA LEU A 104 -17.26 15.48 26.89
C LEU A 104 -18.64 15.99 26.56
N THR A 105 -18.72 17.01 25.70
CA THR A 105 -20.02 17.59 25.35
C THR A 105 -20.44 17.29 23.93
N SER A 106 -19.54 16.75 23.12
CA SER A 106 -19.83 16.56 21.74
C SER A 106 -18.90 15.50 21.15
N TYR A 107 -19.43 14.66 20.28
CA TYR A 107 -18.68 13.62 19.65
C TYR A 107 -19.32 13.19 18.34
N LEU A 108 -18.57 13.22 17.25
CA LEU A 108 -19.10 12.93 15.93
C LEU A 108 -18.15 12.01 15.20
N VAL A 109 -18.72 11.01 14.52
CA VAL A 109 -17.95 10.14 13.67
C VAL A 109 -18.52 10.22 12.27
N ARG A 110 -17.64 10.36 11.29
CA ARG A 110 -18.06 10.30 9.90
C ARG A 110 -17.15 9.40 9.11
N VAL A 111 -17.69 8.32 8.56
CA VAL A 111 -16.92 7.44 7.67
C VAL A 111 -16.72 8.14 6.34
N VAL A 112 -15.47 8.46 6.02
CA VAL A 112 -15.15 9.28 4.88
C VAL A 112 -15.11 8.46 3.61
N SER A 113 -14.47 7.30 3.67
CA SER A 113 -14.44 6.38 2.54
C SER A 113 -14.04 4.99 3.02
N THR A 114 -14.52 3.98 2.33
CA THR A 114 -14.12 2.62 2.61
C THR A 114 -14.55 1.72 1.47
N ASN A 115 -13.79 0.66 1.24
CA ASN A 115 -14.23 -0.44 0.39
C ASN A 115 -14.56 -1.68 1.24
N TYR A 116 -14.64 -1.49 2.55
CA TYR A 116 -15.15 -2.49 3.49
C TYR A 116 -14.21 -3.70 3.76
N ASN A 117 -13.53 -4.19 2.73
CA ASN A 117 -12.73 -5.40 2.88
C ASN A 117 -11.20 -5.17 2.87
N GLN A 118 -10.76 -3.92 2.68
CA GLN A 118 -9.33 -3.58 2.74
C GLN A 118 -9.06 -2.32 3.56
N HIS A 119 -9.76 -1.23 3.28
CA HIS A 119 -9.41 0.05 3.89
C HIS A 119 -10.58 0.93 4.17
N ALA A 120 -10.36 1.85 5.11
CA ALA A 120 -11.33 2.86 5.46
C ALA A 120 -10.60 4.09 5.95
N MET A 121 -11.24 5.23 5.80
CA MET A 121 -10.82 6.47 6.43
C MET A 121 -12.01 7.01 7.19
N VAL A 122 -11.78 7.33 8.47
CA VAL A 122 -12.83 7.76 9.33
C VAL A 122 -12.40 9.03 10.07
N PHE A 123 -13.31 9.99 10.11
CA PHE A 123 -13.10 11.27 10.73
C PHE A 123 -13.83 11.30 12.05
N PHE A 124 -13.16 11.79 13.08
CA PHE A 124 -13.74 11.94 14.40
C PHE A 124 -13.58 13.41 14.84
N LYS A 125 -14.61 13.93 15.51
CA LYS A 125 -14.53 15.26 16.11
C LYS A 125 -15.21 15.23 17.46
N LYS A 126 -14.55 15.78 18.47
CA LYS A 126 -15.12 15.87 19.76
C LYS A 126 -14.79 17.18 20.44
N VAL A 127 -15.67 17.59 21.36
CA VAL A 127 -15.41 18.74 22.22
C VAL A 127 -15.30 18.21 23.65
N SER A 128 -14.11 18.39 24.23
CA SER A 128 -13.83 17.88 25.58
C SER A 128 -13.12 18.96 26.37
N GLN A 129 -13.63 19.27 27.57
CA GLN A 129 -13.17 20.44 28.35
C GLN A 129 -13.25 21.69 27.49
N ASN A 130 -14.32 21.80 26.69
CA ASN A 130 -14.53 22.90 25.77
C ASN A 130 -13.46 23.07 24.68
N ARG A 131 -12.59 22.08 24.50
CA ARG A 131 -11.61 22.14 23.42
C ARG A 131 -12.03 21.24 22.29
N GLU A 132 -11.81 21.69 21.05
CA GLU A 132 -12.27 20.94 19.91
C GLU A 132 -11.15 20.11 19.27
N TYR A 133 -11.28 18.80 19.38
CA TYR A 133 -10.32 17.86 18.84
C TYR A 133 -10.87 17.18 17.60
N PHE A 134 -9.99 16.91 16.64
CA PHE A 134 -10.39 16.05 15.54
C PHE A 134 -9.26 15.10 15.17
N LYS A 135 -9.63 13.92 14.67
CA LYS A 135 -8.64 13.02 14.13
C LYS A 135 -9.19 12.28 12.93
N ILE A 136 -8.28 11.76 12.14
CA ILE A 136 -8.64 10.88 11.07
C ILE A 136 -7.85 9.59 11.26
N THR A 137 -8.54 8.45 11.16
CA THR A 137 -7.85 7.18 11.18
C THR A 137 -7.87 6.59 9.80
N LEU A 138 -6.74 6.01 9.41
CA LEU A 138 -6.67 5.18 8.23
C LEU A 138 -6.75 3.77 8.73
N TYR A 139 -7.83 3.09 8.37
CA TYR A 139 -8.04 1.70 8.81
C TYR A 139 -7.62 0.74 7.71
N GLY A 140 -6.99 -0.36 8.09
CA GLY A 140 -6.72 -1.47 7.18
C GLY A 140 -7.26 -2.77 7.74
N ARG A 141 -7.79 -3.63 6.89
CA ARG A 141 -8.19 -4.97 7.31
C ARG A 141 -6.94 -5.79 7.61
N THR A 142 -5.82 -5.43 6.96
CA THR A 142 -4.51 -5.96 7.29
C THR A 142 -3.62 -4.82 7.86
N LYS A 143 -2.44 -5.19 8.37
CA LYS A 143 -1.57 -4.25 9.07
C LYS A 143 -0.75 -3.38 8.10
N GLU A 144 -0.83 -3.68 6.83
CA GLU A 144 -0.06 -2.96 5.82
C GLU A 144 -1.04 -2.46 4.81
N LEU A 145 -0.79 -1.28 4.27
CA LEU A 145 -1.54 -0.82 3.09
C LEU A 145 -0.60 -0.22 2.08
N THR A 146 -1.09 -0.08 0.85
CA THR A 146 -0.27 0.45 -0.23
C THR A 146 0.19 1.87 0.08
N SER A 147 1.34 2.23 -0.48
CA SER A 147 1.79 3.60 -0.52
C SER A 147 0.74 4.56 -1.02
N GLU A 148 -0.03 4.13 -2.01
CA GLU A 148 -1.06 4.96 -2.61
C GLU A 148 -2.10 5.37 -1.54
N LEU A 149 -2.54 4.40 -0.74
CA LEU A 149 -3.53 4.66 0.29
C LEU A 149 -2.93 5.51 1.41
N LYS A 150 -1.69 5.25 1.79
CA LYS A 150 -1.06 6.05 2.83
C LYS A 150 -0.91 7.51 2.34
N GLU A 151 -0.45 7.71 1.11
CA GLU A 151 -0.29 9.06 0.55
C GLU A 151 -1.64 9.76 0.41
N ASN A 152 -2.69 9.02 0.05
CA ASN A 152 -4.03 9.59 -0.02
C ASN A 152 -4.47 10.11 1.35
N PHE A 153 -4.14 9.34 2.38
CA PHE A 153 -4.46 9.69 3.74
C PHE A 153 -3.66 10.92 4.18
N ILE A 154 -2.41 10.99 3.77
CA ILE A 154 -1.60 12.17 4.06
C ILE A 154 -2.21 13.42 3.40
N ARG A 155 -2.57 13.30 2.12
CA ARG A 155 -3.13 14.43 1.38
C ARG A 155 -4.43 14.88 2.04
N PHE A 156 -5.26 13.92 2.42
CA PHE A 156 -6.53 14.25 3.00
C PHE A 156 -6.35 14.94 4.38
N SER A 157 -5.44 14.42 5.19
CA SER A 157 -5.14 15.02 6.47
C SER A 157 -4.65 16.46 6.29
N LYS A 158 -3.78 16.69 5.30
CA LYS A 158 -3.28 18.04 5.03
C LYS A 158 -4.37 18.96 4.50
N SER A 159 -5.32 18.42 3.75
CA SER A 159 -6.44 19.22 3.25
C SER A 159 -7.31 19.69 4.43
N LEU A 160 -7.24 18.99 5.56
CA LEU A 160 -7.96 19.40 6.77
C LEU A 160 -7.09 20.30 7.68
N GLY A 161 -5.90 20.69 7.21
CA GLY A 161 -5.07 21.66 7.94
C GLY A 161 -3.96 21.03 8.80
N LEU A 162 -3.80 19.71 8.75
CA LEU A 162 -2.81 19.06 9.57
C LEU A 162 -1.46 18.97 8.86
N PRO A 163 -0.40 19.46 9.50
CA PRO A 163 0.94 19.25 8.92
C PRO A 163 1.46 17.86 9.22
N GLU A 164 2.62 17.55 8.65
CA GLU A 164 3.17 16.21 8.63
C GLU A 164 3.44 15.65 10.03
N ASN A 165 3.87 16.51 10.94
CA ASN A 165 4.15 16.08 12.30
C ASN A 165 2.88 15.76 13.09
N HIS A 166 1.71 16.00 12.51
CA HIS A 166 0.46 15.56 13.13
C HIS A 166 -0.10 14.32 12.46
N ILE A 167 0.73 13.64 11.68
CA ILE A 167 0.31 12.46 10.91
C ILE A 167 1.28 11.33 11.23
N VAL A 168 0.74 10.21 11.68
CA VAL A 168 1.55 9.14 12.26
C VAL A 168 1.12 7.83 11.62
N PHE A 169 2.08 6.94 11.42
CA PHE A 169 1.80 5.59 10.97
C PHE A 169 2.23 4.64 12.04
N PRO A 170 1.29 4.18 12.87
CA PRO A 170 1.66 3.30 13.97
C PRO A 170 2.39 2.08 13.48
N VAL A 171 3.40 1.66 14.24
CA VAL A 171 4.22 0.53 13.87
C VAL A 171 3.45 -0.77 14.12
N PRO A 172 3.35 -1.64 13.08
CA PRO A 172 2.74 -2.97 13.27
C PRO A 172 3.34 -3.76 14.44
N ILE A 173 2.49 -4.40 15.23
CA ILE A 173 2.92 -5.30 16.32
C ILE A 173 2.05 -6.55 16.25
N ASP A 174 2.43 -7.56 17.03
CA ASP A 174 1.70 -8.80 17.05
C ASP A 174 0.89 -8.98 18.34
N GLN A 175 1.36 -8.38 19.44
CA GLN A 175 0.66 -8.49 20.71
C GLN A 175 -0.73 -7.85 20.66
N CYS A 176 -1.72 -8.55 21.20
CA CYS A 176 -3.07 -8.02 21.48
C CYS A 176 -3.98 -7.90 20.28
N ILE A 177 -3.43 -7.43 19.17
CA ILE A 177 -4.26 -7.01 18.05
C ILE A 177 -4.50 -8.14 17.02
N ASP A 178 -3.89 -9.30 17.24
CA ASP A 178 -3.99 -10.47 16.33
C ASP A 178 -5.12 -11.47 16.59
N GLY A 179 -5.81 -11.39 17.73
CA GLY A 179 -6.93 -12.33 18.00
C GLY A 179 -8.12 -12.20 17.06
N SER B 6 28.88 25.75 11.06
CA SER B 6 28.02 25.12 10.02
C SER B 6 27.58 23.71 10.45
N ASP B 7 26.33 23.36 10.15
CA ASP B 7 25.73 22.09 10.54
C ASP B 7 24.94 21.52 9.37
N LEU B 8 25.33 20.35 8.87
CA LEU B 8 24.71 19.78 7.66
C LEU B 8 24.24 18.35 7.86
N ILE B 9 23.10 18.00 7.27
CA ILE B 9 22.69 16.61 7.19
C ILE B 9 23.73 15.86 6.36
N PRO B 10 24.23 14.73 6.87
CA PRO B 10 25.29 14.04 6.14
C PRO B 10 24.85 13.54 4.77
N ALA B 11 25.77 13.57 3.82
CA ALA B 11 25.56 12.98 2.53
C ALA B 11 25.33 11.49 2.72
N PRO B 12 24.38 10.91 1.98
CA PRO B 12 24.18 9.48 2.06
C PRO B 12 25.36 8.73 1.44
N PRO B 13 25.62 7.51 1.91
CA PRO B 13 26.56 6.69 1.14
C PRO B 13 26.00 6.43 -0.25
N LEU B 14 26.89 6.35 -1.25
CA LEU B 14 26.46 6.18 -2.63
C LEU B 14 25.70 4.89 -2.88
N SER B 15 25.89 3.91 -2.01
CA SER B 15 25.14 2.67 -2.06
C SER B 15 23.63 2.88 -1.86
N LYS B 16 23.23 4.01 -1.29
CA LYS B 16 21.79 4.35 -1.13
C LYS B 16 21.25 5.14 -2.32
N VAL B 17 22.09 5.43 -3.29
CA VAL B 17 21.69 6.25 -4.41
C VAL B 17 21.71 5.40 -5.68
N PRO B 18 20.53 4.94 -6.13
CA PRO B 18 20.55 4.11 -7.33
C PRO B 18 21.07 4.85 -8.57
N LEU B 19 21.51 4.06 -9.55
CA LEU B 19 21.94 4.56 -10.85
C LEU B 19 20.97 4.02 -11.88
N GLN B 20 20.44 4.90 -12.71
CA GLN B 20 19.59 4.44 -13.79
C GLN B 20 20.32 3.36 -14.62
N GLN B 21 19.69 2.19 -14.72
CA GLN B 21 20.24 1.10 -15.59
C GLN B 21 20.28 1.51 -17.06
N ASN B 22 21.35 1.12 -17.76
CA ASN B 22 21.45 1.30 -19.22
C ASN B 22 21.11 2.74 -19.64
N PHE B 23 21.75 3.70 -18.99
CA PHE B 23 21.50 5.11 -19.23
C PHE B 23 21.69 5.46 -20.71
N GLN B 24 20.73 6.17 -21.27
CA GLN B 24 20.76 6.55 -22.68
C GLN B 24 21.02 8.06 -22.78
N ASP B 25 22.27 8.42 -23.01
CA ASP B 25 22.68 9.81 -22.95
C ASP B 25 22.02 10.69 -24.03
N ASN B 26 21.77 10.11 -25.20
CA ASN B 26 21.08 10.86 -26.26
C ASN B 26 19.62 11.18 -25.90
N GLN B 27 18.95 10.27 -25.21
CA GLN B 27 17.55 10.46 -24.84
C GLN B 27 17.39 11.42 -23.64
N PHE B 28 18.45 11.60 -22.86
CA PHE B 28 18.38 12.45 -21.68
C PHE B 28 18.52 13.92 -22.05
N GLN B 29 18.95 14.20 -23.28
CA GLN B 29 19.30 15.56 -23.64
C GLN B 29 18.06 16.42 -23.83
N GLY B 30 18.29 17.73 -23.92
CA GLY B 30 17.21 18.70 -24.04
C GLY B 30 16.92 19.40 -22.72
N LYS B 31 15.76 20.06 -22.68
CA LYS B 31 15.39 20.88 -21.57
C LYS B 31 14.67 20.06 -20.53
N TRP B 32 15.06 20.29 -19.28
CA TRP B 32 14.34 19.79 -18.13
C TRP B 32 13.99 20.92 -17.21
N TYR B 33 12.75 20.92 -16.74
CA TYR B 33 12.32 21.86 -15.71
C TYR B 33 12.60 21.28 -14.35
N VAL B 34 13.07 22.11 -13.42
CA VAL B 34 13.31 21.68 -12.06
C VAL B 34 11.99 21.79 -11.30
N VAL B 35 11.29 20.65 -11.23
CA VAL B 35 9.97 20.57 -10.63
C VAL B 35 10.08 20.30 -9.14
N GLY B 36 11.18 19.69 -8.73
CA GLY B 36 11.43 19.42 -7.33
C GLY B 36 12.90 19.53 -7.02
N LEU B 37 13.18 19.95 -5.80
CA LEU B 37 14.52 20.22 -5.40
C LEU B 37 14.66 19.90 -3.91
N ALA B 38 15.65 19.08 -3.56
CA ALA B 38 15.86 18.69 -2.17
C ALA B 38 17.35 18.57 -1.88
N GLY B 39 17.77 18.87 -0.67
CA GLY B 39 19.19 18.71 -0.33
C GLY B 39 19.53 19.27 1.01
N ASN B 40 20.76 19.03 1.46
CA ASN B 40 21.14 19.43 2.83
C ASN B 40 21.38 20.91 3.01
N ALA B 41 21.50 21.65 1.90
CA ALA B 41 21.57 23.12 1.94
C ALA B 41 20.34 23.77 1.26
N ILE B 42 19.35 22.96 0.89
CA ILE B 42 18.10 23.48 0.38
C ILE B 42 17.11 23.65 1.54
N LEU B 43 16.48 24.81 1.62
CA LEU B 43 15.54 25.10 2.71
C LEU B 43 14.23 25.64 2.16
N ARG B 44 13.10 25.12 2.63
CA ARG B 44 11.81 25.69 2.30
C ARG B 44 11.70 27.10 2.93
N GLU B 45 11.35 28.08 2.10
CA GLU B 45 11.21 29.48 2.55
C GLU B 45 9.88 30.06 2.09
N ASP B 46 8.99 30.28 3.05
CA ASP B 46 7.65 30.84 2.76
C ASP B 46 7.73 32.35 2.57
N PRO B 49 10.28 31.94 -1.66
CA PRO B 49 9.55 30.96 -2.46
C PRO B 49 10.29 30.68 -3.78
N GLN B 50 10.97 29.54 -3.85
CA GLN B 50 11.87 29.24 -4.96
C GLN B 50 11.11 29.21 -6.30
N LYS B 51 11.64 29.91 -7.31
CA LYS B 51 11.02 29.89 -8.63
C LYS B 51 11.60 28.78 -9.47
N MET B 52 10.76 28.18 -10.29
CA MET B 52 11.22 27.17 -11.22
C MET B 52 12.31 27.75 -12.11
N TYR B 53 13.31 26.94 -12.38
CA TYR B 53 14.30 27.23 -13.38
C TYR B 53 14.45 25.99 -14.25
N ALA B 54 15.23 26.09 -15.32
CA ALA B 54 15.35 25.01 -16.27
C ALA B 54 16.79 24.75 -16.52
N THR B 55 17.09 23.51 -16.89
CA THR B 55 18.45 23.09 -17.16
C THR B 55 18.44 22.28 -18.45
N ILE B 56 19.27 22.69 -19.39
CA ILE B 56 19.27 22.13 -20.72
C ILE B 56 20.54 21.33 -20.88
N TYR B 57 20.41 20.05 -21.24
CA TYR B 57 21.52 19.14 -21.44
C TYR B 57 21.73 18.93 -22.95
N GLU B 58 22.86 19.38 -23.46
CA GLU B 58 23.18 19.18 -24.85
C GLU B 58 24.35 18.27 -24.95
N LEU B 59 24.15 17.16 -25.65
CA LEU B 59 25.17 16.18 -25.82
C LEU B 59 26.14 16.69 -26.87
N LYS B 60 27.40 16.79 -26.50
CA LYS B 60 28.44 17.21 -27.43
C LYS B 60 28.95 16.02 -28.22
N GLU B 61 29.65 16.30 -29.32
CA GLU B 61 30.26 15.25 -30.13
C GLU B 61 31.13 14.30 -29.28
N ASP B 62 31.84 14.86 -28.29
CA ASP B 62 32.69 14.03 -27.40
C ASP B 62 31.90 13.31 -26.29
N LYS B 63 30.59 13.47 -26.28
CA LYS B 63 29.69 12.74 -25.35
C LYS B 63 29.62 13.35 -23.93
N SER B 64 30.31 14.47 -23.72
CA SER B 64 30.05 15.30 -22.55
C SER B 64 28.80 16.07 -22.80
N TYR B 65 28.21 16.62 -21.73
CA TYR B 65 27.09 17.53 -21.86
C TYR B 65 27.52 18.96 -21.60
N ASN B 66 27.07 19.87 -22.47
CA ASN B 66 26.95 21.27 -22.11
C ASN B 66 25.66 21.42 -21.37
N VAL B 67 25.76 21.97 -20.17
CA VAL B 67 24.64 22.04 -19.30
C VAL B 67 24.40 23.51 -19.00
N THR B 68 23.26 24.01 -19.46
CA THR B 68 22.92 25.41 -19.26
C THR B 68 21.70 25.48 -18.41
N SER B 69 21.81 26.23 -17.32
CA SER B 69 20.68 26.49 -16.47
C SER B 69 20.23 27.92 -16.71
N VAL B 70 18.91 28.11 -16.74
CA VAL B 70 18.34 29.42 -16.94
C VAL B 70 17.39 29.70 -15.79
N LEU B 71 17.65 30.83 -15.11
CA LEU B 71 16.89 31.27 -13.95
C LEU B 71 16.44 32.71 -14.17
N PHE B 72 15.27 33.07 -13.63
CA PHE B 72 14.77 34.44 -13.64
C PHE B 72 15.12 35.07 -12.29
N ARG B 73 16.06 36.00 -12.28
CA ARG B 73 16.53 36.63 -11.03
C ARG B 73 16.80 38.10 -11.26
N LYS B 74 16.27 38.94 -10.38
CA LYS B 74 16.50 40.40 -10.44
C LYS B 74 16.01 40.95 -11.78
N LYS B 75 14.86 40.44 -12.24
CA LYS B 75 14.21 40.92 -13.46
C LYS B 75 14.98 40.54 -14.74
N LYS B 76 15.96 39.64 -14.62
CA LYS B 76 16.76 39.24 -15.77
C LYS B 76 16.80 37.73 -15.93
N CYS B 77 17.16 37.28 -17.12
CA CYS B 77 17.44 35.86 -17.34
C CYS B 77 18.92 35.62 -17.10
N ASP B 78 19.22 34.73 -16.15
CA ASP B 78 20.61 34.40 -15.78
C ASP B 78 20.93 33.04 -16.30
N TYR B 79 22.06 32.95 -16.99
CA TYR B 79 22.48 31.71 -17.61
C TYR B 79 23.77 31.24 -16.94
N TRP B 80 23.77 29.97 -16.54
CA TRP B 80 24.90 29.35 -15.84
C TRP B 80 25.25 28.13 -16.63
N ILE B 81 26.44 28.13 -17.22
CA ILE B 81 26.88 27.04 -18.08
C ILE B 81 27.94 26.20 -17.37
N ARG B 82 27.83 24.90 -17.47
CA ARG B 82 28.93 24.04 -17.10
C ARG B 82 28.99 22.80 -17.98
N THR B 83 30.04 22.03 -17.80
CA THR B 83 30.23 20.81 -18.55
C THR B 83 30.15 19.62 -17.60
N PHE B 84 29.31 18.65 -17.97
CA PHE B 84 29.27 17.37 -17.29
C PHE B 84 30.03 16.37 -18.14
N VAL B 85 31.10 15.83 -17.58
CA VAL B 85 31.94 14.88 -18.28
C VAL B 85 31.52 13.47 -17.80
N PRO B 86 31.34 12.51 -18.74
CA PRO B 86 30.96 11.14 -18.37
C PRO B 86 31.88 10.52 -17.34
N GLY B 87 31.30 9.93 -16.31
CA GLY B 87 32.08 9.32 -15.24
C GLY B 87 32.30 7.84 -15.48
N SER B 88 32.46 7.09 -14.41
CA SER B 88 32.90 5.71 -14.51
C SER B 88 31.82 4.78 -15.07
N GLN B 89 30.56 5.09 -14.80
CA GLN B 89 29.43 4.30 -15.26
C GLN B 89 28.53 5.24 -16.07
N PRO B 90 27.90 4.73 -17.15
CA PRO B 90 26.90 5.52 -17.84
C PRO B 90 25.81 6.04 -16.88
N GLY B 91 25.55 7.32 -16.95
CA GLY B 91 24.62 8.00 -16.05
C GLY B 91 25.30 8.76 -14.92
N GLU B 92 26.62 8.62 -14.80
CA GLU B 92 27.39 9.41 -13.84
C GLU B 92 28.22 10.44 -14.55
N PHE B 93 28.47 11.55 -13.87
CA PHE B 93 29.23 12.63 -14.44
C PHE B 93 30.05 13.37 -13.40
N THR B 94 31.15 13.92 -13.87
CA THR B 94 31.97 14.78 -13.09
C THR B 94 31.86 16.17 -13.73
N LEU B 95 32.34 17.17 -13.01
CA LEU B 95 32.28 18.53 -13.48
C LEU B 95 33.54 18.80 -14.30
N GLY B 96 33.38 19.25 -15.54
CA GLY B 96 34.52 19.69 -16.35
C GLY B 96 35.10 20.97 -15.77
N ASN B 97 36.40 21.11 -15.94
CA ASN B 97 37.15 22.21 -15.39
C ASN B 97 36.83 22.45 -13.91
N ILE B 98 36.79 21.38 -13.14
CA ILE B 98 36.53 21.47 -11.71
C ILE B 98 37.57 22.33 -10.96
N LYS B 99 38.79 22.34 -11.48
CA LYS B 99 39.89 23.09 -10.88
C LYS B 99 39.68 24.60 -10.96
N SER B 100 38.82 25.06 -11.88
CA SER B 100 38.49 26.47 -12.01
C SER B 100 37.46 26.97 -10.98
N TYR B 101 36.87 26.06 -10.20
CA TYR B 101 35.87 26.46 -9.19
C TYR B 101 36.55 26.55 -7.82
N PRO B 102 36.69 27.78 -7.28
CA PRO B 102 37.42 27.92 -6.02
C PRO B 102 36.73 27.20 -4.86
N GLY B 103 37.51 26.45 -4.09
CA GLY B 103 37.00 25.73 -2.93
C GLY B 103 36.44 24.35 -3.23
N LEU B 104 36.22 24.05 -4.52
CA LEU B 104 35.53 22.84 -4.91
C LEU B 104 36.54 21.74 -5.13
N THR B 105 36.47 20.68 -4.33
CA THR B 105 37.42 19.58 -4.44
C THR B 105 36.80 18.30 -4.98
N SER B 106 35.47 18.22 -5.02
CA SER B 106 34.79 17.00 -5.46
C SER B 106 33.43 17.36 -6.00
N TYR B 107 33.01 16.67 -7.06
CA TYR B 107 31.71 16.89 -7.66
C TYR B 107 31.29 15.65 -8.41
N LEU B 108 30.09 15.17 -8.10
CA LEU B 108 29.58 13.97 -8.72
C LEU B 108 28.10 14.16 -9.08
N VAL B 109 27.75 13.70 -10.28
CA VAL B 109 26.37 13.63 -10.70
C VAL B 109 26.02 12.19 -10.98
N ARG B 110 24.88 11.75 -10.45
CA ARG B 110 24.37 10.44 -10.74
C ARG B 110 22.91 10.52 -11.09
N VAL B 111 22.58 10.12 -12.30
CA VAL B 111 21.19 10.04 -12.70
C VAL B 111 20.58 8.82 -12.01
N VAL B 112 19.59 9.09 -11.16
CA VAL B 112 19.03 8.05 -10.31
C VAL B 112 17.96 7.23 -11.06
N SER B 113 17.07 7.93 -11.75
CA SER B 113 16.05 7.28 -12.56
C SER B 113 15.48 8.27 -13.55
N THR B 114 15.05 7.77 -14.68
CA THR B 114 14.39 8.59 -15.65
C THR B 114 13.67 7.69 -16.63
N ASN B 115 12.60 8.21 -17.21
CA ASN B 115 11.99 7.62 -18.39
C ASN B 115 12.21 8.51 -19.63
N TYR B 116 13.09 9.50 -19.49
CA TYR B 116 13.61 10.30 -20.62
C TYR B 116 12.64 11.32 -21.23
N ASN B 117 11.38 10.96 -21.34
CA ASN B 117 10.42 11.83 -22.01
C ASN B 117 9.42 12.53 -21.06
N GLN B 118 9.51 12.24 -19.77
CA GLN B 118 8.62 12.85 -18.77
C GLN B 118 9.40 13.37 -17.57
N HIS B 119 10.16 12.49 -16.94
CA HIS B 119 10.75 12.80 -15.65
C HIS B 119 12.10 12.19 -15.43
N ALA B 120 12.85 12.80 -14.54
CA ALA B 120 14.14 12.29 -14.13
C ALA B 120 14.39 12.72 -12.72
N MET B 121 15.19 11.91 -12.03
CA MET B 121 15.68 12.24 -10.74
C MET B 121 17.19 12.16 -10.81
N VAL B 122 17.85 13.23 -10.40
CA VAL B 122 19.30 13.31 -10.49
C VAL B 122 19.87 13.73 -9.14
N PHE B 123 20.91 13.00 -8.71
CA PHE B 123 21.59 13.21 -7.44
C PHE B 123 22.89 13.92 -7.73
N PHE B 124 23.18 14.94 -6.93
CA PHE B 124 24.42 15.68 -7.02
C PHE B 124 25.10 15.66 -5.64
N LYS B 125 26.41 15.49 -5.64
CA LYS B 125 27.19 15.58 -4.41
C LYS B 125 28.46 16.34 -4.69
N LYS B 126 28.78 17.29 -3.81
CA LYS B 126 30.00 18.01 -3.93
C LYS B 126 30.64 18.27 -2.57
N VAL B 127 31.97 18.42 -2.58
CA VAL B 127 32.69 18.91 -1.41
C VAL B 127 33.23 20.28 -1.74
N SER B 128 32.81 21.29 -0.98
CA SER B 128 33.29 22.66 -1.20
C SER B 128 33.60 23.29 0.16
N GLN B 129 34.79 23.88 0.27
CA GLN B 129 35.32 24.35 1.56
C GLN B 129 35.30 23.20 2.58
N ASN B 130 35.64 22.00 2.11
CA ASN B 130 35.62 20.79 2.93
C ASN B 130 34.26 20.40 3.52
N ARG B 131 33.18 21.03 3.07
CA ARG B 131 31.85 20.64 3.52
C ARG B 131 31.16 19.81 2.44
N GLU B 132 30.44 18.78 2.85
CA GLU B 132 29.84 17.88 1.92
C GLU B 132 28.36 18.21 1.68
N TYR B 133 28.05 18.66 0.46
CA TYR B 133 26.70 19.01 0.09
C TYR B 133 26.12 17.96 -0.83
N PHE B 134 24.82 17.72 -0.71
CA PHE B 134 24.13 16.93 -1.72
C PHE B 134 22.76 17.49 -2.02
N LYS B 135 22.30 17.27 -3.24
CA LYS B 135 20.93 17.58 -3.61
C LYS B 135 20.37 16.58 -4.59
N ILE B 136 19.06 16.55 -4.66
CA ILE B 136 18.37 15.77 -5.66
C ILE B 136 17.43 16.71 -6.38
N THR B 137 17.49 16.69 -7.71
CA THR B 137 16.52 17.43 -8.51
C THR B 137 15.51 16.45 -9.09
N LEU B 138 14.25 16.85 -9.08
CA LEU B 138 13.20 16.17 -9.79
C LEU B 138 12.99 16.97 -11.06
N TYR B 139 13.34 16.37 -12.19
CA TYR B 139 13.23 17.04 -13.47
C TYR B 139 11.95 16.62 -14.15
N GLY B 140 11.31 17.57 -14.83
CA GLY B 140 10.14 17.29 -15.66
C GLY B 140 10.36 17.84 -17.05
N ARG B 141 9.89 17.13 -18.08
CA ARG B 141 9.91 17.67 -19.43
C ARG B 141 8.93 18.81 -19.57
N THR B 142 7.88 18.77 -18.74
CA THR B 142 6.95 19.89 -18.57
C THR B 142 7.07 20.47 -17.14
N LYS B 143 6.38 21.57 -16.90
CA LYS B 143 6.48 22.28 -15.62
C LYS B 143 5.68 21.61 -14.49
N GLU B 144 4.91 20.59 -14.82
CA GLU B 144 4.11 19.88 -13.83
C GLU B 144 4.41 18.39 -13.92
N LEU B 145 4.31 17.70 -12.80
CA LEU B 145 4.29 16.24 -12.81
C LEU B 145 3.20 15.71 -11.88
N THR B 146 2.90 14.42 -12.03
CA THR B 146 1.88 13.80 -11.21
C THR B 146 2.25 13.85 -9.72
N SER B 147 1.21 13.83 -8.88
CA SER B 147 1.35 13.61 -7.44
C SER B 147 2.20 12.37 -7.13
N GLU B 148 2.02 11.31 -7.93
CA GLU B 148 2.75 10.05 -7.73
C GLU B 148 4.27 10.28 -7.84
N LEU B 149 4.70 11.03 -8.86
CA LEU B 149 6.12 11.33 -9.04
C LEU B 149 6.63 12.28 -7.96
N LYS B 150 5.85 13.29 -7.60
CA LYS B 150 6.26 14.20 -6.53
C LYS B 150 6.44 13.41 -5.22
N GLU B 151 5.48 12.56 -4.88
CA GLU B 151 5.54 11.76 -3.66
C GLU B 151 6.70 10.77 -3.69
N ASN B 152 6.96 10.19 -4.85
CA ASN B 152 8.11 9.29 -5.03
C ASN B 152 9.43 10.03 -4.77
N PHE B 153 9.48 11.29 -5.20
CA PHE B 153 10.66 12.15 -4.99
C PHE B 153 10.78 12.50 -3.51
N ILE B 154 9.65 12.76 -2.86
CA ILE B 154 9.68 13.04 -1.41
C ILE B 154 10.19 11.81 -0.66
N ARG B 155 9.66 10.64 -1.00
CA ARG B 155 10.05 9.41 -0.31
C ARG B 155 11.53 9.13 -0.52
N PHE B 156 12.01 9.33 -1.74
CA PHE B 156 13.41 9.11 -2.04
C PHE B 156 14.32 10.09 -1.28
N SER B 157 13.93 11.37 -1.25
CA SER B 157 14.69 12.37 -0.52
C SER B 157 14.76 12.02 0.97
N LYS B 158 13.65 11.58 1.53
CA LYS B 158 13.62 11.17 2.94
C LYS B 158 14.46 9.93 3.19
N SER B 159 14.51 9.02 2.21
CA SER B 159 15.33 7.82 2.34
C SER B 159 16.84 8.18 2.40
N LEU B 160 17.18 9.36 1.88
CA LEU B 160 18.56 9.87 1.99
C LEU B 160 18.76 10.76 3.22
N GLY B 161 17.77 10.84 4.09
CA GLY B 161 17.91 11.53 5.38
C GLY B 161 17.36 12.95 5.41
N LEU B 162 16.74 13.41 4.32
CA LEU B 162 16.27 14.80 4.26
C LEU B 162 14.86 14.90 4.80
N PRO B 163 14.63 15.80 5.76
CA PRO B 163 13.26 16.04 6.20
C PRO B 163 12.54 16.98 5.24
N GLU B 164 11.23 17.16 5.50
CA GLU B 164 10.31 17.81 4.57
C GLU B 164 10.71 19.27 4.32
N ASN B 165 11.27 19.94 5.33
CA ASN B 165 11.71 21.34 5.16
C ASN B 165 12.98 21.50 4.30
N HIS B 166 13.58 20.37 3.89
CA HIS B 166 14.68 20.42 2.94
C HIS B 166 14.24 19.99 1.57
N ILE B 167 12.93 19.97 1.34
CA ILE B 167 12.36 19.54 0.07
C ILE B 167 11.44 20.63 -0.44
N VAL B 168 11.67 21.07 -1.67
CA VAL B 168 11.03 22.26 -2.21
C VAL B 168 10.48 21.94 -3.60
N PHE B 169 9.35 22.55 -3.95
CA PHE B 169 8.77 22.43 -5.28
C PHE B 169 8.68 23.81 -5.90
N PRO B 170 9.68 24.17 -6.70
CA PRO B 170 9.72 25.52 -7.26
C PRO B 170 8.44 25.86 -8.01
N VAL B 171 8.00 27.11 -7.85
CA VAL B 171 6.77 27.58 -8.49
C VAL B 171 7.02 27.78 -9.97
N PRO B 172 6.16 27.19 -10.83
CA PRO B 172 6.24 27.44 -12.27
C PRO B 172 6.22 28.93 -12.60
N ILE B 173 7.03 29.34 -13.57
CA ILE B 173 6.99 30.69 -14.13
C ILE B 173 7.11 30.59 -15.64
N ASP B 174 6.89 31.71 -16.31
CA ASP B 174 6.96 31.76 -17.76
C ASP B 174 8.19 32.50 -18.28
N GLN B 175 8.71 33.43 -17.49
CA GLN B 175 9.88 34.20 -17.89
C GLN B 175 11.12 33.30 -18.00
N CYS B 176 11.86 33.47 -19.09
CA CYS B 176 13.22 32.89 -19.28
C CYS B 176 13.27 31.43 -19.62
N ILE B 177 12.43 30.63 -19.00
CA ILE B 177 12.60 29.17 -19.03
C ILE B 177 11.85 28.48 -20.19
N ASP B 178 11.13 29.27 -21.00
CA ASP B 178 10.31 28.76 -22.11
C ASP B 178 10.80 29.33 -23.44
N SER C 6 1.96 -45.34 -6.27
CA SER C 6 2.67 -44.25 -7.04
C SER C 6 3.62 -43.41 -6.10
N ASP C 7 4.04 -42.24 -6.62
CA ASP C 7 5.01 -41.35 -5.95
C ASP C 7 4.59 -39.90 -6.07
N LEU C 8 4.67 -39.15 -4.99
CA LEU C 8 4.10 -37.80 -4.96
C LEU C 8 5.10 -36.76 -4.49
N ILE C 9 5.03 -35.55 -5.06
CA ILE C 9 5.80 -34.43 -4.49
C ILE C 9 5.29 -34.15 -3.10
N PRO C 10 6.19 -34.00 -2.11
CA PRO C 10 5.74 -33.92 -0.73
C PRO C 10 4.97 -32.64 -0.47
N ALA C 11 3.97 -32.70 0.39
CA ALA C 11 3.28 -31.51 0.85
C ALA C 11 4.29 -30.60 1.49
N PRO C 12 4.15 -29.28 1.29
CA PRO C 12 5.04 -28.36 1.96
C PRO C 12 4.73 -28.31 3.46
N PRO C 13 5.73 -27.97 4.28
CA PRO C 13 5.35 -27.64 5.65
C PRO C 13 4.44 -26.41 5.66
N LEU C 14 3.49 -26.38 6.58
CA LEU C 14 2.50 -25.31 6.61
C LEU C 14 3.11 -23.93 6.85
N SER C 15 4.31 -23.89 7.39
CA SER C 15 5.05 -22.65 7.60
C SER C 15 5.40 -21.97 6.29
N LYS C 16 5.37 -22.73 5.18
CA LYS C 16 5.59 -22.13 3.86
C LYS C 16 4.30 -21.64 3.21
N VAL C 17 3.16 -21.86 3.87
CA VAL C 17 1.86 -21.51 3.28
C VAL C 17 1.22 -20.37 4.08
N PRO C 18 1.31 -19.14 3.57
CA PRO C 18 0.76 -18.03 4.36
C PRO C 18 -0.75 -18.14 4.54
N LEU C 19 -1.24 -17.42 5.55
CA LEU C 19 -2.63 -17.34 5.86
C LEU C 19 -3.05 -15.88 5.67
N GLN C 20 -4.08 -15.64 4.89
CA GLN C 20 -4.61 -14.31 4.77
C GLN C 20 -4.89 -13.71 6.14
N GLN C 21 -4.27 -12.58 6.43
CA GLN C 21 -4.48 -11.85 7.68
C GLN C 21 -5.93 -11.33 7.78
N ASN C 22 -6.53 -11.46 8.98
CA ASN C 22 -7.87 -10.90 9.25
C ASN C 22 -8.90 -11.34 8.18
N PHE C 23 -8.97 -12.63 7.95
CA PHE C 23 -9.86 -13.18 6.95
C PHE C 23 -11.30 -12.76 7.18
N GLN C 24 -11.95 -12.29 6.12
CA GLN C 24 -13.33 -11.84 6.20
CA GLN C 24 -13.32 -11.79 6.16
C GLN C 24 -14.24 -12.81 5.49
N ASP C 25 -14.86 -13.68 6.26
CA ASP C 25 -15.64 -14.76 5.69
C ASP C 25 -16.84 -14.31 4.86
N ASN C 26 -17.48 -13.21 5.27
CA ASN C 26 -18.61 -12.66 4.50
C ASN C 26 -18.17 -12.14 3.12
N GLN C 27 -16.98 -11.56 3.05
CA GLN C 27 -16.49 -10.99 1.79
C GLN C 27 -15.99 -12.05 0.82
N PHE C 28 -15.65 -13.23 1.34
CA PHE C 28 -15.09 -14.28 0.52
C PHE C 28 -16.17 -15.04 -0.21
N GLN C 29 -17.42 -14.85 0.20
CA GLN C 29 -18.49 -15.69 -0.30
C GLN C 29 -18.83 -15.34 -1.73
N GLY C 30 -19.61 -16.22 -2.35
CA GLY C 30 -20.01 -16.07 -3.76
C GLY C 30 -19.23 -16.97 -4.69
N LYS C 31 -19.29 -16.67 -5.98
CA LYS C 31 -18.69 -17.51 -6.99
C LYS C 31 -17.24 -17.09 -7.24
N TRP C 32 -16.38 -18.10 -7.35
CA TRP C 32 -15.05 -17.93 -7.82
C TRP C 32 -14.78 -18.86 -8.96
N TYR C 33 -14.11 -18.36 -9.98
CA TYR C 33 -13.65 -19.19 -11.09
C TYR C 33 -12.24 -19.68 -10.81
N VAL C 34 -11.97 -20.93 -11.16
CA VAL C 34 -10.65 -21.47 -10.98
C VAL C 34 -9.82 -21.13 -12.22
N VAL C 35 -9.05 -20.06 -12.09
CA VAL C 35 -8.24 -19.51 -13.18
C VAL C 35 -6.85 -20.17 -13.21
N GLY C 36 -6.42 -20.71 -12.07
CA GLY C 36 -5.19 -21.43 -11.98
C GLY C 36 -5.30 -22.58 -11.00
N LEU C 37 -4.57 -23.62 -11.29
CA LEU C 37 -4.63 -24.82 -10.49
C LEU C 37 -3.24 -25.47 -10.49
N ALA C 38 -2.72 -25.76 -9.31
CA ALA C 38 -1.44 -26.45 -9.19
C ALA C 38 -1.53 -27.48 -8.06
N GLY C 39 -0.77 -28.55 -8.16
CA GLY C 39 -0.70 -29.49 -7.06
C GLY C 39 0.06 -30.74 -7.42
N ASN C 40 0.25 -31.62 -6.42
CA ASN C 40 1.09 -32.80 -6.62
C ASN C 40 0.41 -33.91 -7.39
N ALA C 41 -0.91 -33.80 -7.59
CA ALA C 41 -1.67 -34.71 -8.46
C ALA C 41 -2.26 -33.99 -9.68
N ILE C 42 -1.88 -32.72 -9.88
CA ILE C 42 -2.28 -31.96 -11.05
C ILE C 42 -1.19 -32.05 -12.11
N LEU C 43 -1.58 -32.42 -13.32
CA LEU C 43 -0.60 -32.59 -14.42
C LEU C 43 -1.08 -31.83 -15.65
N ARG C 44 -0.18 -31.08 -16.26
CA ARG C 44 -0.51 -30.42 -17.51
C ARG C 44 -0.72 -31.48 -18.61
N GLU C 45 -1.83 -31.38 -19.33
CA GLU C 45 -2.16 -32.30 -20.43
C GLU C 45 -2.46 -31.48 -21.70
N ASP C 46 -1.49 -31.39 -22.60
CA ASP C 46 -1.66 -30.68 -23.88
C ASP C 46 -2.79 -31.28 -24.73
N LYS C 47 -2.87 -32.61 -24.74
CA LYS C 47 -3.90 -33.33 -25.48
C LYS C 47 -5.33 -32.94 -25.07
N ASP C 48 -5.61 -32.97 -23.77
CA ASP C 48 -6.95 -32.69 -23.25
C ASP C 48 -6.89 -31.67 -22.08
N PRO C 49 -6.78 -30.37 -22.40
CA PRO C 49 -6.51 -29.34 -21.39
C PRO C 49 -7.63 -29.20 -20.36
N GLN C 50 -7.25 -28.95 -19.12
CA GLN C 50 -8.20 -28.78 -18.01
C GLN C 50 -9.15 -27.61 -18.30
N LYS C 51 -10.45 -27.85 -18.14
CA LYS C 51 -11.45 -26.81 -18.38
C LYS C 51 -11.70 -26.07 -17.10
N MET C 52 -11.95 -24.77 -17.22
CA MET C 52 -12.31 -23.98 -16.08
C MET C 52 -13.55 -24.55 -15.40
N TYR C 53 -13.54 -24.51 -14.07
CA TYR C 53 -14.69 -24.80 -13.28
C TYR C 53 -14.86 -23.69 -12.26
N ALA C 54 -15.95 -23.71 -11.51
CA ALA C 54 -16.23 -22.66 -10.54
C ALA C 54 -16.58 -23.29 -9.22
N THR C 55 -16.33 -22.53 -8.16
CA THR C 55 -16.66 -22.94 -6.85
C THR C 55 -17.37 -21.79 -6.15
N ILE C 56 -18.53 -22.08 -5.57
CA ILE C 56 -19.37 -21.09 -4.94
C ILE C 56 -19.38 -21.32 -3.45
N TYR C 57 -19.01 -20.29 -2.69
CA TYR C 57 -18.95 -20.35 -1.22
C TYR C 57 -20.16 -19.59 -0.64
N GLU C 58 -21.00 -20.27 0.10
CA GLU C 58 -22.13 -19.65 0.74
C GLU C 58 -21.99 -19.77 2.24
N LEU C 59 -21.97 -18.62 2.91
CA LEU C 59 -21.75 -18.58 4.35
C LEU C 59 -23.06 -18.92 5.03
N LYS C 60 -23.04 -19.95 5.85
CA LYS C 60 -24.24 -20.36 6.62
C LYS C 60 -24.34 -19.57 7.91
N GLU C 61 -25.53 -19.56 8.51
CA GLU C 61 -25.75 -18.90 9.81
C GLU C 61 -24.73 -19.35 10.85
N ASP C 62 -24.39 -20.65 10.84
CA ASP C 62 -23.42 -21.19 11.79
C ASP C 62 -21.95 -20.91 11.42
N LYS C 63 -21.72 -20.16 10.33
CA LYS C 63 -20.40 -19.66 9.93
C LYS C 63 -19.54 -20.69 9.18
N SER C 64 -20.09 -21.88 8.95
CA SER C 64 -19.50 -22.78 8.00
C SER C 64 -19.93 -22.35 6.60
N TYR C 65 -19.21 -22.83 5.59
CA TYR C 65 -19.58 -22.61 4.18
C TYR C 65 -20.21 -23.86 3.58
N ASN C 66 -21.30 -23.67 2.86
CA ASN C 66 -21.72 -24.62 1.85
C ASN C 66 -20.92 -24.29 0.61
N VAL C 67 -20.22 -25.28 0.10
CA VAL C 67 -19.28 -25.06 -0.98
C VAL C 67 -19.69 -25.93 -2.14
N THR C 68 -20.03 -25.30 -3.26
CA THR C 68 -20.48 -26.02 -4.44
C THR C 68 -19.53 -25.77 -5.58
N SER C 69 -18.99 -26.85 -6.13
CA SER C 69 -18.15 -26.76 -7.31
C SER C 69 -18.92 -27.29 -8.50
N VAL C 70 -18.76 -26.60 -9.62
CA VAL C 70 -19.45 -26.95 -10.84
C VAL C 70 -18.41 -27.11 -11.92
N LEU C 71 -18.43 -28.28 -12.57
CA LEU C 71 -17.51 -28.65 -13.62
C LEU C 71 -18.31 -29.15 -14.82
N PHE C 72 -17.79 -28.92 -16.03
CA PHE C 72 -18.34 -29.50 -17.23
C PHE C 72 -17.51 -30.74 -17.60
N ARG C 73 -18.08 -31.92 -17.42
CA ARG C 73 -17.35 -33.17 -17.62
C ARG C 73 -18.26 -34.16 -18.31
N LYS C 74 -17.78 -34.76 -19.39
CA LYS C 74 -18.50 -35.83 -20.05
C LYS C 74 -19.85 -35.30 -20.51
N LYS C 75 -19.84 -34.07 -21.02
CA LYS C 75 -21.03 -33.45 -21.62
C LYS C 75 -22.11 -33.10 -20.56
N LYS C 76 -21.74 -33.17 -19.28
CA LYS C 76 -22.67 -32.87 -18.22
C LYS C 76 -22.14 -31.85 -17.26
N CYS C 77 -23.04 -31.21 -16.52
CA CYS C 77 -22.65 -30.35 -15.41
C CYS C 77 -22.59 -31.22 -14.17
N ASP C 78 -21.42 -31.29 -13.55
CA ASP C 78 -21.19 -32.06 -12.34
C ASP C 78 -21.06 -31.13 -11.16
N TYR C 79 -21.82 -31.43 -10.13
CA TYR C 79 -21.88 -30.61 -8.94
C TYR C 79 -21.37 -31.41 -7.76
N TRP C 80 -20.49 -30.79 -7.01
CA TRP C 80 -19.85 -31.41 -5.86
C TRP C 80 -20.07 -30.43 -4.74
N ILE C 81 -20.91 -30.80 -3.76
CA ILE C 81 -21.32 -29.92 -2.68
C ILE C 81 -20.76 -30.45 -1.37
N ARG C 82 -19.98 -29.63 -0.67
CA ARG C 82 -19.40 -30.00 0.64
C ARG C 82 -19.50 -28.86 1.64
N THR C 83 -19.15 -29.16 2.89
CA THR C 83 -19.19 -28.18 3.96
C THR C 83 -17.80 -27.92 4.44
N PHE C 84 -17.42 -26.65 4.45
CA PHE C 84 -16.15 -26.22 5.03
C PHE C 84 -16.48 -25.62 6.40
N VAL C 85 -15.94 -26.26 7.44
CA VAL C 85 -16.17 -25.87 8.80
C VAL C 85 -14.93 -25.05 9.22
N PRO C 86 -15.13 -23.94 9.94
CA PRO C 86 -14.04 -23.07 10.30
C PRO C 86 -13.00 -23.84 11.09
N GLY C 87 -11.73 -23.68 10.71
CA GLY C 87 -10.65 -24.39 11.39
C GLY C 87 -10.04 -23.55 12.49
N SER C 88 -8.78 -23.83 12.78
CA SER C 88 -8.16 -23.31 13.98
C SER C 88 -7.92 -21.79 13.95
N GLN C 89 -7.79 -21.23 12.76
CA GLN C 89 -7.56 -19.81 12.54
C GLN C 89 -8.54 -19.31 11.45
N PRO C 90 -9.01 -18.06 11.54
CA PRO C 90 -9.86 -17.53 10.48
C PRO C 90 -9.16 -17.64 9.11
N GLY C 91 -9.89 -18.17 8.14
CA GLY C 91 -9.34 -18.43 6.81
C GLY C 91 -8.91 -19.86 6.61
N GLU C 92 -8.95 -20.67 7.67
CA GLU C 92 -8.75 -22.09 7.54
C GLU C 92 -10.08 -22.82 7.68
N PHE C 93 -10.16 -23.99 7.05
CA PHE C 93 -11.33 -24.82 7.13
C PHE C 93 -10.98 -26.28 7.12
N THR C 94 -11.84 -27.05 7.77
CA THR C 94 -11.83 -28.49 7.69
C THR C 94 -13.12 -28.94 7.00
N LEU C 95 -13.16 -30.20 6.61
CA LEU C 95 -14.28 -30.74 5.85
C LEU C 95 -15.28 -31.27 6.82
N GLY C 96 -16.52 -30.80 6.73
CA GLY C 96 -17.60 -31.37 7.53
C GLY C 96 -17.95 -32.78 7.08
N ASN C 97 -18.42 -33.58 8.02
CA ASN C 97 -18.83 -34.98 7.75
C ASN C 97 -17.76 -35.76 7.02
N ILE C 98 -16.52 -35.63 7.49
CA ILE C 98 -15.38 -36.28 6.82
C ILE C 98 -15.53 -37.81 6.78
N LYS C 99 -16.26 -38.37 7.75
CA LYS C 99 -16.48 -39.82 7.84
C LYS C 99 -17.29 -40.36 6.66
N SER C 100 -18.07 -39.49 6.03
CA SER C 100 -18.87 -39.87 4.88
C SER C 100 -18.05 -39.95 3.59
N TYR C 101 -16.78 -39.59 3.64
CA TYR C 101 -15.90 -39.72 2.47
C TYR C 101 -14.93 -40.88 2.65
N PRO C 102 -15.15 -41.98 1.91
CA PRO C 102 -14.34 -43.16 2.14
C PRO C 102 -12.86 -42.93 1.82
N GLY C 103 -11.99 -43.35 2.71
CA GLY C 103 -10.56 -43.23 2.52
C GLY C 103 -9.98 -41.91 2.96
N LEU C 104 -10.84 -40.93 3.26
CA LEU C 104 -10.38 -39.57 3.55
C LEU C 104 -10.16 -39.45 5.05
N THR C 105 -8.92 -39.22 5.48
CA THR C 105 -8.63 -39.10 6.91
C THR C 105 -8.27 -37.71 7.32
N SER C 106 -8.04 -36.82 6.35
CA SER C 106 -7.61 -35.51 6.69
C SER C 106 -7.92 -34.56 5.53
N TYR C 107 -8.34 -33.34 5.87
CA TYR C 107 -8.66 -32.34 4.89
C TYR C 107 -8.51 -30.96 5.46
N LEU C 108 -7.70 -30.11 4.82
CA LEU C 108 -7.44 -28.77 5.33
C LEU C 108 -7.52 -27.77 4.20
N VAL C 109 -8.19 -26.64 4.48
CA VAL C 109 -8.20 -25.53 3.56
C VAL C 109 -7.58 -24.33 4.25
N ARG C 110 -6.69 -23.64 3.55
CA ARG C 110 -6.13 -22.40 4.02
C ARG C 110 -6.16 -21.35 2.95
N VAL C 111 -6.90 -20.28 3.20
CA VAL C 111 -6.90 -19.15 2.29
C VAL C 111 -5.57 -18.40 2.44
N VAL C 112 -4.78 -18.38 1.38
CA VAL C 112 -3.43 -17.83 1.43
C VAL C 112 -3.41 -16.33 1.26
N SER C 113 -4.17 -15.83 0.29
CA SER C 113 -4.32 -14.40 0.10
C SER C 113 -5.53 -14.12 -0.77
N THR C 114 -6.14 -12.97 -0.56
CA THR C 114 -7.25 -12.56 -1.37
C THR C 114 -7.49 -11.08 -1.17
N ASN C 115 -8.05 -10.45 -2.18
CA ASN C 115 -8.60 -9.11 -2.01
C ASN C 115 -10.13 -9.15 -2.13
N TYR C 116 -10.71 -10.35 -2.11
CA TYR C 116 -12.14 -10.57 -1.99
C TYR C 116 -12.99 -10.25 -3.27
N ASN C 117 -12.68 -9.18 -3.97
CA ASN C 117 -13.49 -8.75 -5.12
CA ASN C 117 -13.48 -8.71 -5.11
C ASN C 117 -12.86 -9.02 -6.49
N GLN C 118 -11.63 -9.56 -6.51
CA GLN C 118 -10.97 -9.91 -7.78
C GLN C 118 -10.35 -11.31 -7.75
N HIS C 119 -9.52 -11.58 -6.73
CA HIS C 119 -8.71 -12.78 -6.74
C HIS C 119 -8.49 -13.37 -5.38
N ALA C 120 -8.16 -14.64 -5.39
CA ALA C 120 -7.78 -15.35 -4.17
C ALA C 120 -6.87 -16.50 -4.54
N MET C 121 -6.02 -16.86 -3.59
CA MET C 121 -5.23 -18.06 -3.68
C MET C 121 -5.55 -18.87 -2.46
N VAL C 122 -5.89 -20.14 -2.66
CA VAL C 122 -6.31 -21.02 -1.60
C VAL C 122 -5.53 -22.34 -1.70
N PHE C 123 -5.02 -22.79 -0.55
CA PHE C 123 -4.25 -24.01 -0.42
C PHE C 123 -5.12 -25.08 0.18
N PHE C 124 -5.05 -26.28 -0.38
CA PHE C 124 -5.81 -27.43 0.07
C PHE C 124 -4.84 -28.59 0.31
N LYS C 125 -5.06 -29.33 1.39
CA LYS C 125 -4.26 -30.50 1.67
C LYS C 125 -5.17 -31.58 2.20
N LYS C 126 -5.04 -32.77 1.66
CA LYS C 126 -5.80 -33.90 2.15
C LYS C 126 -4.97 -35.16 2.18
N VAL C 127 -5.37 -36.07 3.06
CA VAL C 127 -4.80 -37.39 3.09
C VAL C 127 -5.91 -38.36 2.71
N SER C 128 -5.72 -39.06 1.61
CA SER C 128 -6.72 -39.98 1.10
C SER C 128 -6.03 -41.29 0.73
N GLN C 129 -6.54 -42.41 1.24
CA GLN C 129 -5.84 -43.70 1.16
C GLN C 129 -4.42 -43.54 1.70
N ASN C 130 -4.27 -42.75 2.76
CA ASN C 130 -2.98 -42.45 3.37
C ASN C 130 -1.94 -41.80 2.47
N ARG C 131 -2.38 -41.26 1.32
CA ARG C 131 -1.50 -40.48 0.46
CA ARG C 131 -1.50 -40.48 0.45
C ARG C 131 -1.78 -39.01 0.66
N GLU C 132 -0.74 -38.20 0.71
CA GLU C 132 -0.91 -36.81 1.01
C GLU C 132 -0.91 -35.92 -0.25
N TYR C 133 -2.06 -35.34 -0.54
CA TYR C 133 -2.24 -34.51 -1.71
C TYR C 133 -2.36 -33.05 -1.32
N PHE C 134 -1.82 -32.17 -2.14
CA PHE C 134 -2.04 -30.78 -1.94
C PHE C 134 -2.26 -30.10 -3.27
N LYS C 135 -3.07 -29.04 -3.26
CA LYS C 135 -3.21 -28.19 -4.41
C LYS C 135 -3.38 -26.75 -4.02
N ILE C 136 -3.14 -25.87 -4.98
CA ILE C 136 -3.40 -24.46 -4.80
C ILE C 136 -4.28 -24.04 -5.94
N THR C 137 -5.36 -23.33 -5.62
CA THR C 137 -6.21 -22.76 -6.67
C THR C 137 -5.99 -21.28 -6.72
N LEU C 138 -5.92 -20.75 -7.93
CA LEU C 138 -5.96 -19.32 -8.16
C LEU C 138 -7.38 -19.02 -8.55
N TYR C 139 -8.09 -18.29 -7.70
CA TYR C 139 -9.48 -17.96 -7.94
C TYR C 139 -9.61 -16.56 -8.53
N GLY C 140 -10.54 -16.39 -9.45
CA GLY C 140 -10.91 -15.08 -9.99
C GLY C 140 -12.39 -14.86 -9.88
N ARG C 141 -12.80 -13.62 -9.61
CA ARG C 141 -14.23 -13.28 -9.65
C ARG C 141 -14.72 -13.28 -11.07
N THR C 142 -13.81 -13.05 -12.03
CA THR C 142 -14.09 -13.23 -13.45
C THR C 142 -13.19 -14.37 -14.00
N LYS C 143 -13.41 -14.75 -15.27
CA LYS C 143 -12.71 -15.89 -15.88
C LYS C 143 -11.28 -15.55 -16.31
N GLU C 144 -10.90 -14.29 -16.19
CA GLU C 144 -9.55 -13.85 -16.56
C GLU C 144 -8.89 -13.16 -15.39
N LEU C 145 -7.58 -13.29 -15.26
CA LEU C 145 -6.80 -12.38 -14.36
C LEU C 145 -5.49 -11.92 -15.05
N THR C 146 -4.89 -10.89 -14.48
CA THR C 146 -3.71 -10.33 -15.00
C THR C 146 -2.56 -11.35 -15.06
N SER C 147 -1.63 -11.10 -15.98
CA SER C 147 -0.33 -11.72 -15.98
C SER C 147 0.39 -11.68 -14.62
N GLU C 148 0.28 -10.56 -13.94
CA GLU C 148 0.93 -10.36 -12.66
C GLU C 148 0.45 -11.39 -11.66
N LEU C 149 -0.87 -11.59 -11.61
CA LEU C 149 -1.43 -12.56 -10.66
C LEU C 149 -1.08 -13.98 -11.09
N LYS C 150 -1.10 -14.26 -12.37
CA LYS C 150 -0.77 -15.59 -12.84
C LYS C 150 0.69 -15.94 -12.49
N GLU C 151 1.60 -14.99 -12.74
CA GLU C 151 3.01 -15.20 -12.44
C GLU C 151 3.25 -15.33 -10.95
N ASN C 152 2.53 -14.54 -10.18
CA ASN C 152 2.57 -14.65 -8.74
C ASN C 152 2.16 -16.02 -8.21
N PHE C 153 1.15 -16.59 -8.85
CA PHE C 153 0.67 -17.90 -8.53
C PHE C 153 1.69 -18.97 -8.94
N ILE C 154 2.33 -18.77 -10.10
CA ILE C 154 3.37 -19.71 -10.53
C ILE C 154 4.51 -19.71 -9.51
N ARG C 155 4.96 -18.51 -9.11
CA ARG C 155 6.08 -18.39 -8.18
C ARG C 155 5.73 -19.04 -6.85
N PHE C 156 4.51 -18.81 -6.39
CA PHE C 156 4.08 -19.39 -5.13
C PHE C 156 4.01 -20.92 -5.19
N SER C 157 3.43 -21.46 -6.28
CA SER C 157 3.37 -22.90 -6.47
C SER C 157 4.77 -23.51 -6.48
N LYS C 158 5.71 -22.86 -7.16
CA LYS C 158 7.09 -23.36 -7.19
C LYS C 158 7.75 -23.28 -5.83
N SER C 159 7.43 -22.26 -5.05
CA SER C 159 7.99 -22.13 -3.72
C SER C 159 7.53 -23.31 -2.84
N LEU C 160 6.40 -23.95 -3.21
CA LEU C 160 5.94 -25.13 -2.50
C LEU C 160 6.49 -26.44 -3.10
N GLY C 161 7.37 -26.32 -4.07
CA GLY C 161 8.05 -27.50 -4.63
C GLY C 161 7.42 -28.06 -5.89
N LEU C 162 6.44 -27.37 -6.45
CA LEU C 162 5.79 -27.84 -7.67
C LEU C 162 6.53 -27.31 -8.90
N PRO C 163 6.90 -28.19 -9.82
CA PRO C 163 7.42 -27.73 -11.09
C PRO C 163 6.31 -27.34 -12.03
N GLU C 164 6.70 -26.78 -13.16
CA GLU C 164 5.81 -26.09 -14.08
C GLU C 164 4.76 -27.02 -14.66
N ASN C 165 5.12 -28.29 -14.87
CA ASN C 165 4.14 -29.26 -15.39
C ASN C 165 3.07 -29.65 -14.37
N HIS C 166 3.20 -29.18 -13.13
CA HIS C 166 2.14 -29.41 -12.13
C HIS C 166 1.31 -28.16 -11.92
N ILE C 167 1.42 -27.21 -12.86
CA ILE C 167 0.73 -25.94 -12.77
C ILE C 167 -0.06 -25.74 -14.05
N VAL C 168 -1.36 -25.51 -13.92
CA VAL C 168 -2.27 -25.52 -15.04
C VAL C 168 -3.15 -24.26 -14.99
N PHE C 169 -3.54 -23.76 -16.16
CA PHE C 169 -4.46 -22.64 -16.28
C PHE C 169 -5.66 -23.10 -17.06
N PRO C 170 -6.73 -23.50 -16.34
CA PRO C 170 -7.89 -24.04 -17.01
C PRO C 170 -8.45 -23.09 -18.04
N VAL C 171 -8.86 -23.64 -19.18
CA VAL C 171 -9.37 -22.86 -20.29
C VAL C 171 -10.79 -22.40 -19.96
N PRO C 172 -11.06 -21.08 -20.08
CA PRO C 172 -12.41 -20.57 -19.89
C PRO C 172 -13.43 -21.30 -20.77
N ILE C 173 -14.58 -21.59 -20.19
CA ILE C 173 -15.70 -22.14 -20.92
C ILE C 173 -16.97 -21.44 -20.47
N ASP C 174 -18.05 -21.70 -21.20
CA ASP C 174 -19.34 -21.09 -20.90
C ASP C 174 -20.33 -22.07 -20.30
N GLN C 175 -20.19 -23.35 -20.63
CA GLN C 175 -21.09 -24.38 -20.11
C GLN C 175 -20.95 -24.51 -18.60
N CYS C 176 -22.10 -24.56 -17.92
CA CYS C 176 -22.22 -24.95 -16.49
C CYS C 176 -21.84 -23.88 -15.46
N ILE C 177 -20.77 -23.14 -15.73
CA ILE C 177 -20.15 -22.30 -14.72
C ILE C 177 -20.65 -20.85 -14.67
N ASP C 178 -21.59 -20.50 -15.54
CA ASP C 178 -22.14 -19.12 -15.65
C ASP C 178 -23.63 -19.08 -15.36
C1 GOL D . 2.75 21.66 17.19
O1 GOL D . 3.86 20.79 17.47
C2 GOL D . 2.49 21.74 15.67
O2 GOL D . 3.70 21.60 14.93
C3 GOL D . 1.89 23.07 15.27
O3 GOL D . 2.11 23.31 13.88
EU EU E . -10.45 8.98 21.85
C21 DBH F . -8.13 13.57 19.85
O9 DBH F . -7.08 12.90 19.90
C18 DBH F . -9.43 12.94 19.43
C15 DBH F . -10.15 13.52 18.40
C12 DBH F . -11.34 12.97 18.01
C3 DBH F . -9.92 11.80 20.06
O3 DBH F . -9.20 11.24 21.08
C6 DBH F . -11.14 11.22 19.65
C9 DBH F . -11.84 11.83 18.61
O6 DBH F . -11.65 10.06 20.23
S SO4 G . -10.32 4.65 16.67
O1 SO4 G . -8.93 5.17 16.81
O2 SO4 G . -11.20 5.79 16.30
O3 SO4 G . -10.39 3.56 15.65
O4 SO4 G . -10.80 4.13 17.95
CL CL H . 2.87 -0.22 -2.45
EU EU I . 25.38 24.91 -7.14
O17 DBH J . 24.32 22.95 -2.25
C21 DBH J . 23.75 22.64 -3.31
C18 DBH J . 24.42 21.76 -4.35
C15 DBH J . 24.77 20.46 -4.04
C12 DBH J . 25.36 19.66 -5.00
C3 DBH J . 24.65 22.26 -5.64
O3 DBH J . 24.29 23.53 -5.94
C6 DBH J . 25.25 21.48 -6.62
C9 DBH J . 25.60 20.16 -6.28
O6 DBH J . 25.48 21.97 -7.90
S SO4 K . 20.36 21.47 -12.08
O1 SO4 K . 20.36 22.67 -11.23
O2 SO4 K . 20.22 20.28 -11.21
O3 SO4 K . 19.26 21.45 -13.04
O4 SO4 K . 21.63 21.37 -12.83
CL CL L . 21.23 46.92 -17.56
C1 GOL M . 8.06 -35.13 -11.67
O1 GOL M . 8.22 -33.87 -11.03
C2 GOL M . 6.62 -35.18 -12.07
O2 GOL M . 6.43 -34.10 -12.97
C3 GOL M . 6.24 -36.47 -12.75
O3 GOL M . 4.92 -36.37 -13.29
EU EU N . -10.93 -32.28 -3.88
O17 DBH O . -6.25 -33.30 -6.41
C21 DBH O . -5.60 -33.04 -5.36
C18 DBH O . -6.23 -32.38 -4.15
C15 DBH O . -5.40 -31.98 -3.10
C12 DBH O . -5.94 -31.39 -1.96
C3 DBH O . -7.60 -32.16 -4.06
O3 DBH O . -8.42 -32.54 -5.10
C6 DBH O . -8.15 -31.56 -2.92
C9 DBH O . -7.30 -31.17 -1.88
O6 DBH O . -9.53 -31.33 -2.82
S SO4 P . -11.86 -25.91 -5.29
O1 SO4 P . -11.26 -26.82 -6.33
O2 SO4 P . -10.82 -25.79 -4.26
O3 SO4 P . -12.20 -24.56 -5.81
O4 SO4 P . -13.03 -26.51 -4.63
C1 GOL Q . -10.65 -32.96 8.27
O1 GOL Q . -11.30 -31.84 7.67
C2 GOL Q . -9.70 -32.49 9.35
O2 GOL Q . -10.19 -33.03 10.60
C3 GOL Q . -8.25 -32.89 9.07
O3 GOL Q . -7.43 -32.65 10.25
C1 GOL R . -4.45 -6.13 -5.19
O1 GOL R . -3.96 -7.34 -4.55
C2 GOL R . -5.07 -5.20 -4.14
O2 GOL R . -5.24 -5.88 -2.90
C3 GOL R . -6.41 -4.66 -4.55
O3 GOL R . -6.23 -3.36 -5.11
CL CL S . -2.22 -8.46 -18.06
CL CL T . 10.25 -25.97 -12.99
CL CL U . 1.74 -15.02 -1.72
#